data_8JY9
#
_entry.id   8JY9
#
_cell.length_a   43.928
_cell.length_b   67.462
_cell.length_c   134.597
_cell.angle_alpha   90.000
_cell.angle_beta   90.000
_cell.angle_gamma   90.000
#
_symmetry.space_group_name_H-M   'P 21 21 21'
#
loop_
_entity.id
_entity.type
_entity.pdbx_description
1 polymer 'Butyrophylin 3'
2 non-polymer 'SULFATE ION'
3 non-polymer '(2E)-4-hydroxy-3-methylbut-2-en-1-yl trihydrogen diphosphate'
4 water water
#
_entity_poly.entity_id   1
_entity_poly.type   'polypeptide(L)'
_entity_poly.pdbx_seq_one_letter_code
;GAGAGARGEKSQAYAEWKKALFQPADVILDPNTANPILLVSDDQRSLQRADERQNLPDNPERFDWHYCVLGCKSFTSGRH
YWEVEVGDRKEWHIGVCQENVERKCWVKMTPENGFWTVGLTDGSKYRALSDPRTKLTVANPPQRVGVFLDYETGEVSFYN
AMDGSHIYTFPHTFFSGPLWPVFRILTLEPTALTICPA
;
_entity_poly.pdbx_strand_id   A,B
#
loop_
_chem_comp.id
_chem_comp.type
_chem_comp.name
_chem_comp.formula
H6P non-polymer '(2E)-4-hydroxy-3-methylbut-2-en-1-yl trihydrogen diphosphate' 'C5 H12 O8 P2'
SO4 non-polymer 'SULFATE ION' 'O4 S -2'
#
# COMPACT_ATOMS: atom_id res chain seq x y z
N GLU A 9 17.27 2.76 -8.72
CA GLU A 9 17.45 3.02 -7.25
C GLU A 9 16.11 3.45 -6.64
N LYS A 10 15.69 2.74 -5.60
CA LYS A 10 14.38 2.86 -4.92
C LYS A 10 14.26 4.25 -4.26
N SER A 11 15.32 4.79 -3.66
CA SER A 11 15.32 6.19 -3.16
C SER A 11 14.98 7.15 -4.30
N GLN A 12 15.59 6.98 -5.48
CA GLN A 12 15.41 7.95 -6.58
C GLN A 12 13.96 7.85 -7.08
N ALA A 13 13.45 6.62 -7.26
CA ALA A 13 12.06 6.36 -7.71
C ALA A 13 11.09 6.95 -6.68
N TYR A 14 11.39 6.81 -5.39
CA TYR A 14 10.56 7.37 -4.30
C TYR A 14 10.53 8.90 -4.43
N ALA A 15 11.70 9.54 -4.55
CA ALA A 15 11.80 10.99 -4.82
C ALA A 15 11.00 11.38 -6.07
N GLU A 16 11.10 10.64 -7.19
CA GLU A 16 10.44 11.06 -8.44
C GLU A 16 8.92 10.88 -8.31
N TRP A 17 8.47 9.87 -7.55
CA TRP A 17 7.01 9.61 -7.40
C TRP A 17 6.39 10.72 -6.55
N LYS A 18 7.01 11.14 -5.44
CA LYS A 18 6.38 12.18 -4.59
C LYS A 18 6.41 13.48 -5.39
N LYS A 19 7.48 13.75 -6.17
CA LYS A 19 7.57 14.94 -7.06
C LYS A 19 6.47 14.91 -8.11
N ALA A 20 6.21 13.76 -8.72
CA ALA A 20 5.22 13.64 -9.82
C ALA A 20 3.81 13.94 -9.28
N LEU A 21 3.49 13.53 -8.06
CA LEU A 21 2.06 13.40 -7.67
C LEU A 21 1.69 14.21 -6.41
N PHE A 22 2.61 14.45 -5.49
CA PHE A 22 2.24 14.91 -4.12
C PHE A 22 2.91 16.26 -3.87
N GLN A 23 2.16 17.22 -3.33
CA GLN A 23 2.69 18.56 -2.95
C GLN A 23 3.35 18.43 -1.58
N PRO A 24 4.64 18.84 -1.43
CA PRO A 24 5.34 18.77 -0.14
C PRO A 24 4.73 19.75 0.86
N ALA A 25 4.10 19.23 1.91
CA ALA A 25 3.51 20.09 2.96
C ALA A 25 4.62 20.47 3.95
N ASP A 26 4.63 21.74 4.33
CA ASP A 26 5.49 22.28 5.39
C ASP A 26 4.62 22.28 6.65
N VAL A 27 4.81 21.24 7.46
CA VAL A 27 3.94 20.98 8.64
C VAL A 27 4.70 21.44 9.89
N ILE A 28 4.05 22.32 10.63
CA ILE A 28 4.46 22.66 12.00
C ILE A 28 3.31 22.29 12.95
N LEU A 29 3.68 22.05 14.20
CA LEU A 29 2.73 21.60 15.25
C LEU A 29 2.08 22.82 15.88
N ASP A 30 0.81 22.68 16.19
CA ASP A 30 0.01 23.73 16.84
C ASP A 30 -0.05 23.45 18.35
N PRO A 31 0.73 24.18 19.15
CA PRO A 31 0.82 23.88 20.57
C PRO A 31 -0.53 24.03 21.29
N ASN A 32 -1.44 24.82 20.73
CA ASN A 32 -2.80 25.04 21.31
C ASN A 32 -3.66 23.77 21.19
N THR A 33 -3.36 22.85 20.26
CA THR A 33 -4.09 21.57 20.11
C THR A 33 -3.47 20.46 20.97
N ALA A 34 -2.22 20.61 21.41
CA ALA A 34 -1.41 19.55 22.07
C ALA A 34 -1.98 19.21 23.44
N ASN A 35 -2.22 17.92 23.67
CA ASN A 35 -2.54 17.38 25.01
C ASN A 35 -1.61 18.01 26.03
N PRO A 36 -2.10 18.39 27.23
CA PRO A 36 -1.23 19.07 28.18
C PRO A 36 -0.01 18.27 28.68
N ILE A 37 0.09 16.96 28.39
CA ILE A 37 1.31 16.17 28.70
C ILE A 37 2.34 16.28 27.58
N LEU A 38 2.00 16.90 26.46
CA LEU A 38 2.97 16.99 25.34
C LEU A 38 3.75 18.31 25.42
N LEU A 39 4.97 18.31 24.91
CA LEU A 39 5.80 19.52 24.71
C LEU A 39 6.03 19.67 23.22
N VAL A 40 5.67 20.83 22.68
CA VAL A 40 6.00 21.25 21.30
C VAL A 40 7.25 22.13 21.36
N SER A 41 8.28 21.81 20.58
CA SER A 41 9.55 22.59 20.49
C SER A 41 9.21 24.01 20.01
N ASP A 42 10.09 24.97 20.31
N ASP A 42 10.12 24.94 20.26
CA ASP A 42 9.85 26.38 19.92
CA ASP A 42 9.88 26.36 19.93
C ASP A 42 9.74 26.45 18.39
C ASP A 42 9.87 26.55 18.42
N ASP A 43 10.56 25.71 17.64
CA ASP A 43 10.46 25.76 16.15
C ASP A 43 9.20 25.02 15.66
N GLN A 44 8.47 24.36 16.57
CA GLN A 44 7.19 23.68 16.29
C GLN A 44 7.37 22.51 15.32
N ARG A 45 8.54 21.91 15.24
CA ARG A 45 8.77 20.73 14.39
C ARG A 45 8.87 19.46 15.22
N SER A 46 9.17 19.57 16.53
CA SER A 46 9.45 18.39 17.39
C SER A 46 8.44 18.29 18.53
N LEU A 47 8.27 17.05 18.97
CA LEU A 47 7.30 16.68 20.03
C LEU A 47 7.99 15.80 21.07
N GLN A 48 7.76 16.11 22.34
CA GLN A 48 8.19 15.22 23.44
C GLN A 48 7.02 15.08 24.41
N ARG A 49 7.22 14.26 25.43
CA ARG A 49 6.18 14.02 26.46
C ARG A 49 6.76 14.40 27.81
N ALA A 50 5.91 14.97 28.66
CA ALA A 50 6.23 15.35 30.06
C ALA A 50 5.99 14.15 30.99
N ASP A 51 6.60 14.20 32.18
CA ASP A 51 6.38 13.21 33.26
C ASP A 51 4.91 13.25 33.71
N GLU A 52 4.29 14.44 33.70
CA GLU A 52 2.86 14.59 34.06
C GLU A 52 2.24 15.66 33.19
N ARG A 53 0.92 15.75 33.25
CA ARG A 53 0.18 16.86 32.60
C ARG A 53 0.73 18.15 33.17
N GLN A 54 0.94 19.12 32.29
CA GLN A 54 1.33 20.48 32.66
C GLN A 54 0.02 21.27 32.77
N ASN A 55 0.08 22.44 33.37
CA ASN A 55 -1.09 23.33 33.57
C ASN A 55 -1.25 24.13 32.28
N LEU A 56 -2.24 23.80 31.45
CA LEU A 56 -2.59 24.57 30.22
C LEU A 56 -4.08 24.86 30.22
N PRO A 57 -4.52 25.92 29.52
CA PRO A 57 -5.95 26.14 29.28
C PRO A 57 -6.58 24.94 28.57
N ASP A 58 -7.83 24.59 28.90
CA ASP A 58 -8.59 23.53 28.19
C ASP A 58 -9.42 24.18 27.07
N ASN A 59 -8.76 24.99 26.25
CA ASN A 59 -9.41 25.59 25.06
C ASN A 59 -9.99 24.45 24.22
N PRO A 60 -11.07 24.76 23.46
CA PRO A 60 -11.85 23.73 22.78
C PRO A 60 -11.06 22.83 21.80
N GLU A 61 -10.04 23.34 21.12
CA GLU A 61 -9.35 22.54 20.06
C GLU A 61 -8.31 21.62 20.71
N ARG A 62 -8.01 21.78 21.99
CA ARG A 62 -6.94 20.98 22.65
C ARG A 62 -7.43 19.54 22.87
N PHE A 63 -6.62 18.53 22.50
CA PHE A 63 -6.89 17.13 22.91
C PHE A 63 -6.66 16.96 24.41
N ASP A 64 -7.73 16.70 25.17
CA ASP A 64 -7.61 16.60 26.63
C ASP A 64 -7.27 15.18 27.05
N TRP A 65 -7.75 14.20 26.31
CA TRP A 65 -7.54 12.78 26.67
C TRP A 65 -6.37 12.19 25.88
N HIS A 66 -6.52 12.10 24.56
CA HIS A 66 -5.55 11.48 23.65
C HIS A 66 -4.27 12.35 23.63
N TYR A 67 -3.12 11.70 23.61
CA TYR A 67 -1.78 12.35 23.66
C TYR A 67 -1.44 12.84 22.27
N CYS A 68 -2.33 13.63 21.66
CA CYS A 68 -2.27 14.08 20.25
C CYS A 68 -1.99 15.58 20.18
N VAL A 69 -1.56 15.97 18.98
CA VAL A 69 -1.33 17.38 18.55
C VAL A 69 -1.58 17.45 17.04
N LEU A 70 -2.10 18.56 16.55
CA LEU A 70 -2.31 18.75 15.10
C LEU A 70 -1.21 19.64 14.51
N GLY A 71 -1.10 19.58 13.19
CA GLY A 71 -0.45 20.58 12.34
C GLY A 71 -1.18 21.92 12.41
N CYS A 72 -0.58 22.96 11.86
CA CYS A 72 -1.10 24.35 11.86
C CYS A 72 -2.03 24.62 10.68
N LYS A 73 -2.05 23.74 9.69
CA LYS A 73 -2.83 23.96 8.45
C LYS A 73 -3.50 22.65 8.10
N SER A 74 -4.70 22.76 7.57
CA SER A 74 -5.54 21.63 7.14
C SER A 74 -5.55 21.46 5.62
N PHE A 75 -6.06 20.32 5.18
CA PHE A 75 -6.26 19.98 3.74
C PHE A 75 -7.74 19.68 3.48
N THR A 76 -8.32 20.37 2.51
CA THR A 76 -9.68 20.11 2.01
C THR A 76 -9.65 19.49 0.61
N SER A 77 -8.48 19.48 -0.03
CA SER A 77 -8.33 18.97 -1.41
C SER A 77 -6.86 18.66 -1.66
N GLY A 78 -6.61 17.80 -2.64
CA GLY A 78 -5.29 17.68 -3.27
C GLY A 78 -4.46 16.57 -2.67
N ARG A 79 -3.25 16.44 -3.20
CA ARG A 79 -2.29 15.38 -2.87
C ARG A 79 -1.15 16.04 -2.10
N HIS A 80 -0.84 15.52 -0.93
CA HIS A 80 0.11 16.15 -0.01
C HIS A 80 0.94 15.07 0.65
N TYR A 81 2.19 15.37 0.94
CA TYR A 81 3.04 14.47 1.76
C TYR A 81 3.89 15.31 2.72
N TRP A 82 4.19 14.66 3.84
CA TRP A 82 5.23 15.13 4.79
C TRP A 82 5.93 13.90 5.34
N GLU A 83 7.17 14.10 5.76
CA GLU A 83 8.00 13.02 6.32
C GLU A 83 8.35 13.38 7.77
N VAL A 84 8.39 12.35 8.61
CA VAL A 84 8.54 12.47 10.08
C VAL A 84 9.71 11.59 10.48
N GLU A 85 10.71 12.17 11.15
CA GLU A 85 11.83 11.40 11.75
C GLU A 85 11.34 10.78 13.05
N VAL A 86 11.12 9.49 13.04
CA VAL A 86 10.67 8.75 14.26
C VAL A 86 11.91 8.17 14.95
N GLY A 87 13.03 8.11 14.23
CA GLY A 87 14.32 7.58 14.75
C GLY A 87 14.11 6.26 15.48
N ASP A 88 14.80 6.11 16.62
CA ASP A 88 14.77 4.86 17.43
C ASP A 88 13.60 4.89 18.43
N ARG A 89 12.58 5.75 18.26
CA ARG A 89 11.49 5.80 19.27
C ARG A 89 10.88 4.41 19.34
N LYS A 90 10.39 4.01 20.51
CA LYS A 90 9.82 2.66 20.71
C LYS A 90 8.30 2.72 20.52
N GLU A 91 7.77 3.93 20.54
CA GLU A 91 6.30 4.20 20.48
C GLU A 91 6.06 5.53 19.76
N TRP A 92 5.10 5.51 18.83
CA TRP A 92 4.61 6.70 18.09
C TRP A 92 3.47 6.26 17.18
N HIS A 93 2.57 7.21 16.88
CA HIS A 93 1.54 7.04 15.84
C HIS A 93 1.38 8.40 15.16
N ILE A 94 1.19 8.36 13.86
CA ILE A 94 1.08 9.58 13.01
C ILE A 94 0.10 9.31 11.88
N GLY A 95 -0.48 10.36 11.36
CA GLY A 95 -1.33 10.26 10.17
C GLY A 95 -2.12 11.53 10.04
N VAL A 96 -3.43 11.40 9.78
CA VAL A 96 -4.34 12.56 9.58
C VAL A 96 -5.59 12.29 10.38
N CYS A 97 -6.30 13.35 10.72
CA CYS A 97 -7.63 13.20 11.34
C CYS A 97 -8.54 14.32 10.82
N GLN A 98 -9.85 14.09 10.85
CA GLN A 98 -10.84 15.12 10.49
C GLN A 98 -10.82 16.21 11.55
N GLU A 99 -11.15 17.42 11.13
CA GLU A 99 -11.37 18.59 11.99
C GLU A 99 -12.39 18.25 13.10
N ASN A 100 -13.37 17.39 12.80
CA ASN A 100 -14.55 17.13 13.70
C ASN A 100 -14.28 15.98 14.69
N VAL A 101 -13.05 15.49 14.83
CA VAL A 101 -12.78 14.38 15.77
C VAL A 101 -13.07 14.92 17.19
N GLU A 102 -13.48 14.01 18.06
CA GLU A 102 -13.69 14.27 19.51
C GLU A 102 -12.34 14.63 20.12
N ARG A 103 -12.25 15.80 20.80
CA ARG A 103 -11.01 16.30 21.46
C ARG A 103 -11.00 16.01 22.97
N LYS A 104 -12.17 15.84 23.60
CA LYS A 104 -12.28 15.88 25.09
C LYS A 104 -12.57 14.48 25.64
N CYS A 105 -13.71 13.92 25.27
CA CYS A 105 -14.06 12.55 25.69
C CYS A 105 -13.17 11.57 24.92
N TRP A 106 -13.00 10.36 25.46
CA TRP A 106 -12.28 9.26 24.78
C TRP A 106 -13.09 8.79 23.57
N VAL A 107 -12.40 8.58 22.47
CA VAL A 107 -12.92 7.81 21.30
C VAL A 107 -11.80 6.87 20.89
N LYS A 108 -12.13 5.70 20.34
CA LYS A 108 -11.10 4.79 19.78
C LYS A 108 -10.50 5.49 18.55
N MET A 109 -9.19 5.57 18.43
CA MET A 109 -8.58 6.25 17.26
C MET A 109 -8.74 5.33 16.05
N THR A 110 -9.82 5.55 15.30
CA THR A 110 -10.21 4.71 14.14
C THR A 110 -10.68 5.57 12.99
N PRO A 111 -10.62 5.07 11.74
CA PRO A 111 -11.21 5.76 10.59
C PRO A 111 -12.67 6.10 10.88
N GLU A 112 -13.43 5.19 11.50
CA GLU A 112 -14.85 5.44 11.85
C GLU A 112 -14.95 6.71 12.72
N ASN A 113 -13.99 6.97 13.59
CA ASN A 113 -14.02 8.16 14.50
C ASN A 113 -13.25 9.34 13.90
N GLY A 114 -12.76 9.21 12.65
CA GLY A 114 -12.13 10.34 11.93
C GLY A 114 -10.61 10.35 12.02
N PHE A 115 -10.00 9.22 12.35
CA PHE A 115 -8.52 9.09 12.50
C PHE A 115 -7.97 8.04 11.53
N TRP A 116 -6.92 8.42 10.79
CA TRP A 116 -6.14 7.55 9.86
C TRP A 116 -4.69 7.57 10.32
N THR A 117 -4.32 6.64 11.21
CA THR A 117 -2.95 6.62 11.77
C THR A 117 -2.36 5.21 11.80
N VAL A 118 -1.04 5.17 11.73
CA VAL A 118 -0.23 3.94 11.92
C VAL A 118 0.91 4.29 12.85
N GLY A 119 1.55 3.28 13.39
CA GLY A 119 2.70 3.47 14.28
C GLY A 119 3.24 2.22 14.90
N LEU A 120 3.90 2.44 16.02
CA LEU A 120 4.81 1.48 16.69
C LEU A 120 4.46 1.46 18.17
N THR A 121 4.41 0.27 18.74
CA THR A 121 4.23 0.02 20.19
C THR A 121 5.30 -0.98 20.61
N ASP A 122 5.88 -0.77 21.80
CA ASP A 122 6.86 -1.68 22.47
C ASP A 122 8.04 -1.98 21.55
N GLY A 123 8.50 -0.99 20.78
CA GLY A 123 9.73 -1.08 20.00
C GLY A 123 9.61 -1.86 18.70
N SER A 124 8.74 -2.87 18.63
CA SER A 124 8.73 -3.84 17.50
C SER A 124 7.34 -4.13 16.94
N LYS A 125 6.27 -3.60 17.54
CA LYS A 125 4.88 -3.94 17.15
C LYS A 125 4.35 -2.80 16.28
N TYR A 126 4.44 -2.97 14.95
CA TYR A 126 3.91 -2.01 13.95
C TYR A 126 2.44 -2.31 13.71
N ARG A 127 1.59 -1.28 13.76
CA ARG A 127 0.12 -1.46 13.63
C ARG A 127 -0.47 -0.32 12.80
N ALA A 128 -1.47 -0.63 12.00
CA ALA A 128 -2.44 0.36 11.51
C ALA A 128 -3.61 0.42 12.48
N LEU A 129 -4.02 1.63 12.83
CA LEU A 129 -5.13 1.87 13.79
C LEU A 129 -6.43 1.92 12.96
N SER A 130 -6.63 0.85 12.20
CA SER A 130 -7.93 0.37 11.67
C SER A 130 -8.74 -0.23 12.82
N ASP A 131 -9.97 -0.60 12.54
CA ASP A 131 -10.85 -1.30 13.50
C ASP A 131 -11.35 -2.57 12.80
N PRO A 132 -10.87 -3.79 13.16
CA PRO A 132 -9.80 -3.98 14.15
C PRO A 132 -8.46 -3.42 13.64
N ARG A 133 -7.54 -3.19 14.59
CA ARG A 133 -6.14 -2.77 14.31
C ARG A 133 -5.56 -3.82 13.37
N THR A 134 -4.75 -3.38 12.39
CA THR A 134 -4.04 -4.27 11.45
C THR A 134 -2.58 -4.44 11.88
N LYS A 135 -2.18 -5.69 12.06
CA LYS A 135 -0.79 -6.01 12.44
C LYS A 135 0.02 -5.89 11.18
N LEU A 136 1.10 -5.14 11.26
CA LEU A 136 1.98 -4.87 10.10
C LEU A 136 3.18 -5.80 10.23
N THR A 137 3.73 -6.23 9.12
CA THR A 137 5.06 -6.88 9.03
C THR A 137 5.99 -5.91 8.31
N VAL A 138 7.03 -5.45 9.01
CA VAL A 138 8.00 -4.44 8.50
C VAL A 138 9.40 -5.06 8.60
N ALA A 139 10.06 -5.31 7.47
CA ALA A 139 11.35 -6.04 7.45
C ALA A 139 12.44 -5.10 7.98
N ASN A 140 12.37 -3.82 7.61
CA ASN A 140 13.36 -2.77 7.98
C ASN A 140 12.63 -1.69 8.77
N PRO A 141 12.84 -1.61 10.10
CA PRO A 141 12.18 -0.61 10.91
C PRO A 141 12.53 0.77 10.39
N PRO A 142 11.54 1.60 10.03
CA PRO A 142 11.82 2.94 9.52
C PRO A 142 12.30 3.91 10.62
N GLN A 143 13.25 4.76 10.22
CA GLN A 143 13.77 5.92 10.98
C GLN A 143 13.00 7.18 10.55
N ARG A 144 12.49 7.16 9.34
CA ARG A 144 11.78 8.31 8.75
C ARG A 144 10.62 7.77 7.94
N VAL A 145 9.44 8.34 8.20
CA VAL A 145 8.17 7.87 7.62
C VAL A 145 7.57 8.99 6.77
N GLY A 146 7.19 8.64 5.53
CA GLY A 146 6.41 9.52 4.66
C GLY A 146 4.93 9.26 4.84
N VAL A 147 4.16 10.31 5.05
CA VAL A 147 2.68 10.30 5.19
C VAL A 147 2.17 10.95 3.90
N PHE A 148 1.30 10.24 3.18
CA PHE A 148 0.79 10.60 1.83
C PHE A 148 -0.74 10.66 1.88
N LEU A 149 -1.28 11.81 1.56
CA LEU A 149 -2.74 12.05 1.52
C LEU A 149 -3.18 12.35 0.07
N ASP A 150 -4.23 11.69 -0.40
CA ASP A 150 -5.02 12.13 -1.59
C ASP A 150 -6.46 12.41 -1.13
N TYR A 151 -6.82 13.67 -0.90
CA TYR A 151 -8.15 14.01 -0.34
C TYR A 151 -9.24 13.41 -1.25
N GLU A 152 -9.20 13.76 -2.55
CA GLU A 152 -10.26 13.42 -3.55
C GLU A 152 -10.51 11.91 -3.56
N THR A 153 -9.47 11.08 -3.47
CA THR A 153 -9.69 9.61 -3.57
C THR A 153 -9.80 8.97 -2.20
N GLY A 154 -9.77 9.75 -1.11
CA GLY A 154 -9.84 9.22 0.26
C GLY A 154 -8.70 8.25 0.56
N GLU A 155 -7.49 8.63 0.18
CA GLU A 155 -6.29 7.77 0.30
C GLU A 155 -5.32 8.32 1.36
N VAL A 156 -5.01 7.48 2.34
CA VAL A 156 -3.92 7.75 3.30
C VAL A 156 -2.95 6.59 3.19
N SER A 157 -1.67 6.86 2.93
CA SER A 157 -0.63 5.79 2.82
C SER A 157 0.69 6.26 3.43
N PHE A 158 1.50 5.28 3.80
CA PHE A 158 2.72 5.47 4.62
C PHE A 158 3.86 4.70 3.98
N TYR A 159 5.03 5.36 3.90
CA TYR A 159 6.26 4.78 3.35
C TYR A 159 7.41 4.94 4.33
N ASN A 160 8.35 4.02 4.24
CA ASN A 160 9.75 4.22 4.72
C ASN A 160 10.41 5.28 3.82
N ALA A 161 10.61 6.49 4.33
CA ALA A 161 11.08 7.63 3.53
C ALA A 161 12.54 7.41 3.12
N MET A 162 13.29 6.52 3.76
CA MET A 162 14.75 6.35 3.48
C MET A 162 14.99 5.35 2.35
N ASP A 163 14.18 4.30 2.20
CA ASP A 163 14.44 3.23 1.20
C ASP A 163 13.25 3.11 0.22
N GLY A 164 12.14 3.80 0.48
CA GLY A 164 10.99 3.86 -0.44
C GLY A 164 10.04 2.69 -0.26
N SER A 165 10.28 1.81 0.71
CA SER A 165 9.41 0.63 0.92
C SER A 165 8.05 1.11 1.44
N HIS A 166 6.97 0.50 0.95
CA HIS A 166 5.60 0.82 1.41
C HIS A 166 5.38 0.24 2.81
N ILE A 167 4.63 0.94 3.66
CA ILE A 167 4.29 0.43 5.02
C ILE A 167 2.81 0.03 5.06
N TYR A 168 1.91 0.95 4.70
CA TYR A 168 0.46 0.74 4.85
C TYR A 168 -0.30 1.77 4.04
N THR A 169 -1.41 1.30 3.49
CA THR A 169 -2.47 2.09 2.83
C THR A 169 -3.80 1.70 3.48
N PHE A 170 -4.52 2.67 3.99
CA PHE A 170 -5.91 2.48 4.47
C PHE A 170 -6.81 2.22 3.27
N PRO A 171 -7.93 1.48 3.46
CA PRO A 171 -8.90 1.33 2.40
C PRO A 171 -9.27 2.75 2.00
N HIS A 172 -9.47 2.97 0.70
CA HIS A 172 -9.99 4.26 0.20
C HIS A 172 -11.29 4.55 0.96
N THR A 173 -11.53 5.82 1.26
CA THR A 173 -12.68 6.26 2.10
C THR A 173 -13.27 7.52 1.48
N PHE A 174 -14.25 8.11 2.16
CA PHE A 174 -14.80 9.45 1.86
C PHE A 174 -14.54 10.32 3.10
N PHE A 175 -13.73 11.36 2.95
CA PHE A 175 -13.38 12.24 4.09
C PHE A 175 -14.55 13.19 4.32
N SER A 176 -14.74 13.61 5.55
CA SER A 176 -15.74 14.65 5.87
C SER A 176 -15.02 15.86 6.47
N GLY A 177 -15.04 16.97 5.75
CA GLY A 177 -14.49 18.23 6.22
C GLY A 177 -12.97 18.19 6.11
N PRO A 178 -12.29 19.22 6.66
CA PRO A 178 -10.84 19.33 6.54
C PRO A 178 -10.12 18.23 7.32
N LEU A 179 -8.95 17.85 6.81
CA LEU A 179 -8.05 16.88 7.43
C LEU A 179 -6.84 17.61 8.00
N TRP A 180 -6.41 17.18 9.18
CA TRP A 180 -5.21 17.74 9.84
C TRP A 180 -4.13 16.68 9.95
N PRO A 181 -2.84 17.02 9.75
CA PRO A 181 -1.76 16.16 10.24
C PRO A 181 -1.95 15.95 11.74
N VAL A 182 -1.84 14.71 12.20
CA VAL A 182 -1.97 14.39 13.65
C VAL A 182 -0.75 13.55 14.07
N PHE A 183 -0.31 13.76 15.31
CA PHE A 183 0.87 13.09 15.89
C PHE A 183 0.50 12.69 17.31
N ARG A 184 0.88 11.48 17.70
CA ARG A 184 0.57 10.90 19.01
C ARG A 184 1.83 10.21 19.52
N ILE A 185 2.22 10.53 20.74
CA ILE A 185 3.24 9.77 21.51
C ILE A 185 2.73 9.49 22.92
N LEU A 186 2.91 8.25 23.36
CA LEU A 186 2.35 7.79 24.65
C LEU A 186 3.46 7.69 25.69
N THR A 187 4.70 7.49 25.26
CA THR A 187 5.82 7.14 26.16
C THR A 187 6.69 8.35 26.49
N LEU A 188 7.45 8.19 27.58
CA LEU A 188 8.49 9.10 28.10
C LEU A 188 9.84 8.48 27.74
N GLU A 189 10.47 8.94 26.64
CA GLU A 189 11.69 8.28 26.13
C GLU A 189 12.57 9.34 25.50
N PRO A 190 13.88 9.05 25.33
CA PRO A 190 14.86 10.07 24.94
C PRO A 190 14.66 10.69 23.54
N THR A 191 14.22 9.93 22.55
CA THR A 191 14.11 10.42 21.14
C THR A 191 12.79 11.17 20.95
N ALA A 192 12.85 12.36 20.36
CA ALA A 192 11.68 13.17 19.99
C ALA A 192 11.10 12.62 18.68
N LEU A 193 9.86 12.97 18.42
CA LEU A 193 9.25 12.90 17.08
C LEU A 193 9.57 14.24 16.42
N THR A 194 10.22 14.23 15.27
CA THR A 194 10.57 15.48 14.54
C THR A 194 10.02 15.44 13.11
N ILE A 195 9.28 16.48 12.76
CA ILE A 195 8.79 16.69 11.37
C ILE A 195 9.96 17.20 10.52
N CYS A 196 10.13 16.64 9.32
CA CYS A 196 11.10 17.13 8.31
C CYS A 196 10.48 18.29 7.56
N PRO A 197 11.15 19.46 7.42
CA PRO A 197 10.62 20.57 6.61
C PRO A 197 10.53 20.20 5.12
N ALA A 198 9.62 20.88 4.41
CA ALA A 198 9.36 20.71 2.97
C ALA A 198 10.67 20.90 2.18
N GLU B 9 -18.69 4.13 2.39
CA GLU B 9 -18.70 2.70 1.97
C GLU B 9 -17.38 2.40 1.25
N LYS B 10 -16.75 1.32 1.69
CA LYS B 10 -15.33 1.05 1.35
C LYS B 10 -15.32 0.53 -0.09
N SER B 11 -16.30 -0.27 -0.49
CA SER B 11 -16.52 -0.74 -1.89
C SER B 11 -16.74 0.46 -2.80
N GLN B 12 -17.60 1.37 -2.38
CA GLN B 12 -17.97 2.59 -3.13
C GLN B 12 -16.69 3.40 -3.35
N ALA B 13 -15.89 3.61 -2.31
CA ALA B 13 -14.68 4.48 -2.39
C ALA B 13 -13.62 3.79 -3.25
N TYR B 14 -13.49 2.48 -3.15
CA TYR B 14 -12.55 1.68 -3.99
C TYR B 14 -12.95 1.88 -5.46
N ALA B 15 -14.24 1.67 -5.76
CA ALA B 15 -14.83 1.85 -7.12
C ALA B 15 -14.53 3.26 -7.61
N GLU B 16 -14.75 4.26 -6.77
CA GLU B 16 -14.63 5.68 -7.20
C GLU B 16 -13.15 6.00 -7.43
N TRP B 17 -12.25 5.38 -6.65
CA TRP B 17 -10.81 5.68 -6.73
C TRP B 17 -10.26 5.08 -8.03
N LYS B 18 -10.56 3.81 -8.30
CA LYS B 18 -10.00 3.11 -9.47
C LYS B 18 -10.52 3.83 -10.74
N LYS B 19 -11.81 4.22 -10.75
CA LYS B 19 -12.43 4.94 -11.90
C LYS B 19 -11.76 6.31 -12.09
N ALA B 20 -11.41 7.01 -11.01
CA ALA B 20 -10.90 8.40 -11.10
C ALA B 20 -9.51 8.44 -11.74
N LEU B 21 -8.69 7.42 -11.50
CA LEU B 21 -7.22 7.49 -11.74
C LEU B 21 -6.70 6.34 -12.62
N PHE B 22 -7.37 5.20 -12.73
CA PHE B 22 -6.80 4.05 -13.48
C PHE B 22 -7.67 3.71 -14.69
N GLN B 23 -7.02 3.51 -15.84
CA GLN B 23 -7.69 3.03 -17.06
C GLN B 23 -8.08 1.58 -16.82
N PRO B 24 -9.36 1.21 -17.06
CA PRO B 24 -9.81 -0.15 -16.82
C PRO B 24 -9.31 -1.05 -17.95
N ALA B 25 -8.41 -1.97 -17.65
CA ALA B 25 -7.88 -2.92 -18.65
C ALA B 25 -8.87 -4.05 -18.85
N ASP B 26 -9.10 -4.36 -20.11
CA ASP B 26 -9.79 -5.59 -20.50
C ASP B 26 -8.71 -6.61 -20.88
N VAL B 27 -8.39 -7.52 -19.95
CA VAL B 27 -7.24 -8.45 -20.07
C VAL B 27 -7.78 -9.82 -20.48
N ILE B 28 -7.26 -10.34 -21.60
CA ILE B 28 -7.49 -11.74 -22.02
C ILE B 28 -6.13 -12.43 -22.06
N LEU B 29 -6.12 -13.72 -21.70
CA LEU B 29 -4.89 -14.55 -21.67
C LEU B 29 -4.46 -14.87 -23.10
N ASP B 30 -3.16 -14.82 -23.37
CA ASP B 30 -2.59 -15.16 -24.69
C ASP B 30 -2.08 -16.58 -24.58
N PRO B 31 -2.82 -17.59 -25.09
CA PRO B 31 -2.37 -18.98 -24.99
C PRO B 31 -1.05 -19.27 -25.71
N ASN B 32 -0.63 -18.39 -26.63
CA ASN B 32 0.66 -18.52 -27.37
C ASN B 32 1.85 -18.34 -26.41
N THR B 33 1.68 -17.56 -25.32
CA THR B 33 2.74 -17.29 -24.31
C THR B 33 2.75 -18.34 -23.21
N ALA B 34 1.69 -19.15 -23.08
CA ALA B 34 1.40 -19.94 -21.87
C ALA B 34 2.34 -21.13 -21.80
N ASN B 35 2.97 -21.29 -20.66
CA ASN B 35 3.71 -22.54 -20.36
C ASN B 35 2.87 -23.73 -20.81
N PRO B 36 3.44 -24.80 -21.43
CA PRO B 36 2.64 -25.95 -21.88
C PRO B 36 1.79 -26.68 -20.84
N ILE B 37 2.12 -26.52 -19.55
CA ILE B 37 1.33 -27.14 -18.45
C ILE B 37 0.07 -26.31 -18.16
N LEU B 38 -0.12 -25.14 -18.78
CA LEU B 38 -1.29 -24.27 -18.48
C LEU B 38 -2.42 -24.56 -19.46
N LEU B 39 -3.67 -24.47 -19.00
CA LEU B 39 -4.86 -24.51 -19.89
C LEU B 39 -5.54 -23.15 -19.84
N VAL B 40 -5.66 -22.49 -21.00
CA VAL B 40 -6.35 -21.18 -21.17
C VAL B 40 -7.76 -21.46 -21.73
N SER B 41 -8.78 -20.91 -21.08
CA SER B 41 -10.19 -21.10 -21.50
C SER B 41 -10.40 -20.56 -22.92
N ASP B 42 -11.40 -21.09 -23.62
CA ASP B 42 -11.80 -20.59 -24.96
C ASP B 42 -12.07 -19.09 -24.94
N ASP B 43 -12.71 -18.57 -23.89
CA ASP B 43 -13.01 -17.12 -23.77
C ASP B 43 -11.73 -16.35 -23.35
N GLN B 44 -10.62 -17.05 -23.06
CA GLN B 44 -9.30 -16.46 -22.70
C GLN B 44 -9.36 -15.66 -21.39
N ARG B 45 -10.34 -15.95 -20.54
CA ARG B 45 -10.52 -15.22 -19.25
C ARG B 45 -10.00 -16.08 -18.12
N SER B 46 -9.94 -17.41 -18.31
CA SER B 46 -9.74 -18.39 -17.22
C SER B 46 -8.51 -19.23 -17.46
N LEU B 47 -7.84 -19.62 -16.36
CA LEU B 47 -6.54 -20.32 -16.34
C LEU B 47 -6.64 -21.50 -15.38
N GLN B 48 -6.32 -22.69 -15.87
CA GLN B 48 -6.12 -23.88 -15.02
C GLN B 48 -4.80 -24.52 -15.42
N ARG B 49 -4.37 -25.47 -14.61
CA ARG B 49 -3.15 -26.26 -14.86
C ARG B 49 -3.59 -27.60 -15.42
N ALA B 50 -2.81 -28.16 -16.33
CA ALA B 50 -2.99 -29.54 -16.84
C ALA B 50 -2.33 -30.50 -15.84
N ASP B 51 -2.69 -31.78 -15.93
CA ASP B 51 -2.01 -32.90 -15.22
C ASP B 51 -0.51 -32.84 -15.52
N GLU B 52 -0.17 -32.81 -16.80
CA GLU B 52 1.25 -32.79 -17.28
C GLU B 52 1.37 -31.79 -18.43
N ARG B 53 2.60 -31.46 -18.82
CA ARG B 53 2.87 -30.53 -19.95
C ARG B 53 2.20 -31.09 -21.19
N GLN B 54 1.45 -30.25 -21.91
CA GLN B 54 0.94 -30.60 -23.24
C GLN B 54 2.06 -30.47 -24.26
N ASN B 55 1.92 -31.11 -25.42
CA ASN B 55 2.91 -30.99 -26.51
C ASN B 55 2.51 -29.75 -27.31
N LEU B 56 3.14 -28.61 -27.07
CA LEU B 56 2.90 -27.35 -27.82
C LEU B 56 4.22 -26.89 -28.37
N PRO B 57 4.21 -26.05 -29.42
CA PRO B 57 5.45 -25.55 -29.99
C PRO B 57 6.15 -24.59 -29.03
N ASP B 58 7.47 -24.74 -28.97
CA ASP B 58 8.35 -23.88 -28.15
C ASP B 58 8.68 -22.63 -28.97
N ASN B 59 7.65 -21.87 -29.37
CA ASN B 59 7.82 -20.57 -30.05
C ASN B 59 8.46 -19.60 -29.07
N PRO B 60 9.23 -18.62 -29.55
CA PRO B 60 10.04 -17.76 -28.67
C PRO B 60 9.21 -17.08 -27.58
N GLU B 61 7.97 -16.70 -27.89
CA GLU B 61 7.13 -15.94 -26.91
C GLU B 61 6.62 -16.85 -25.77
N ARG B 62 6.74 -18.18 -25.85
CA ARG B 62 6.11 -19.08 -24.85
C ARG B 62 7.03 -19.23 -23.62
N PHE B 63 6.45 -19.11 -22.43
CA PHE B 63 7.13 -19.44 -21.16
C PHE B 63 7.40 -20.93 -21.14
N ASP B 64 8.65 -21.33 -21.03
CA ASP B 64 8.98 -22.77 -21.11
C ASP B 64 9.37 -23.31 -19.74
N TRP B 65 9.77 -22.42 -18.82
CA TRP B 65 10.23 -22.81 -17.46
C TRP B 65 9.14 -22.38 -16.47
N HIS B 66 8.96 -21.09 -16.26
CA HIS B 66 7.90 -20.64 -15.30
C HIS B 66 6.52 -21.02 -15.85
N TYR B 67 5.58 -21.29 -14.93
CA TYR B 67 4.19 -21.70 -15.22
C TYR B 67 3.40 -20.42 -15.39
N CYS B 68 3.84 -19.59 -16.34
CA CYS B 68 3.31 -18.22 -16.57
C CYS B 68 2.58 -18.15 -17.91
N VAL B 69 1.65 -17.21 -17.98
CA VAL B 69 0.99 -16.77 -19.23
C VAL B 69 0.88 -15.25 -19.15
N LEU B 70 0.89 -14.59 -20.32
CA LEU B 70 0.74 -13.12 -20.45
C LEU B 70 -0.66 -12.76 -20.95
N GLY B 71 -1.06 -11.52 -20.72
CA GLY B 71 -2.17 -10.88 -21.41
C GLY B 71 -1.90 -10.73 -22.90
N CYS B 72 -2.91 -10.29 -23.67
CA CYS B 72 -2.79 -10.04 -25.13
C CYS B 72 -2.37 -8.59 -25.38
N LYS B 73 -2.37 -7.76 -24.35
CA LYS B 73 -1.93 -6.34 -24.47
C LYS B 73 -0.96 -5.99 -23.34
N SER B 74 0.02 -5.18 -23.71
CA SER B 74 1.05 -4.62 -22.82
C SER B 74 0.78 -3.13 -22.61
N PHE B 75 1.49 -2.54 -21.66
CA PHE B 75 1.42 -1.10 -21.33
C PHE B 75 2.85 -0.54 -21.37
N THR B 76 3.02 0.58 -22.06
CA THR B 76 4.30 1.35 -22.09
C THR B 76 4.11 2.71 -21.43
N SER B 77 2.90 3.01 -20.99
CA SER B 77 2.53 4.30 -20.36
C SER B 77 1.17 4.15 -19.70
N GLY B 78 0.86 5.07 -18.80
CA GLY B 78 -0.47 5.17 -18.18
C GLY B 78 -0.63 4.35 -16.93
N ARG B 79 -1.74 4.62 -16.26
CA ARG B 79 -2.31 3.90 -15.11
C ARG B 79 -3.37 2.94 -15.61
N HIS B 80 -3.29 1.69 -15.15
CA HIS B 80 -4.16 0.60 -15.61
C HIS B 80 -4.50 -0.28 -14.42
N TYR B 81 -5.71 -0.80 -14.41
CA TYR B 81 -6.11 -1.81 -13.41
C TYR B 81 -6.94 -2.87 -14.12
N TRP B 82 -6.87 -4.04 -13.51
CA TRP B 82 -7.76 -5.20 -13.82
C TRP B 82 -7.94 -6.00 -12.54
N GLU B 83 -9.00 -6.80 -12.48
CA GLU B 83 -9.33 -7.60 -11.30
C GLU B 83 -9.40 -9.06 -11.71
N VAL B 84 -8.97 -9.91 -10.82
CA VAL B 84 -8.86 -11.38 -11.06
C VAL B 84 -9.61 -12.08 -9.94
N GLU B 85 -10.61 -12.90 -10.31
CA GLU B 85 -11.31 -13.77 -9.34
C GLU B 85 -10.36 -14.93 -9.03
N VAL B 86 -9.73 -14.91 -7.86
CA VAL B 86 -8.85 -16.03 -7.39
C VAL B 86 -9.70 -17.01 -6.58
N GLY B 87 -10.88 -16.59 -6.12
CA GLY B 87 -11.81 -17.45 -5.36
C GLY B 87 -11.08 -18.10 -4.21
N ASP B 88 -11.29 -19.41 -3.99
CA ASP B 88 -10.62 -20.17 -2.92
C ASP B 88 -9.41 -20.96 -3.42
N ARG B 89 -8.89 -20.63 -4.61
N ARG B 89 -8.88 -20.65 -4.62
CA ARG B 89 -7.67 -21.31 -5.13
CA ARG B 89 -7.67 -21.33 -5.14
C ARG B 89 -6.55 -21.15 -4.10
C ARG B 89 -6.54 -21.15 -4.10
N LYS B 90 -5.92 -22.26 -3.70
CA LYS B 90 -4.92 -22.25 -2.58
C LYS B 90 -3.54 -21.80 -3.07
N GLU B 91 -3.34 -21.66 -4.38
CA GLU B 91 -2.04 -21.24 -4.96
C GLU B 91 -2.31 -20.43 -6.24
N TRP B 92 -1.66 -19.28 -6.37
CA TRP B 92 -1.70 -18.38 -7.56
C TRP B 92 -0.72 -17.24 -7.30
N HIS B 93 -0.11 -16.70 -8.35
CA HIS B 93 0.65 -15.42 -8.29
C HIS B 93 0.32 -14.61 -9.53
N ILE B 94 0.08 -13.32 -9.37
CA ILE B 94 -0.35 -12.44 -10.47
C ILE B 94 0.38 -11.12 -10.34
N GLY B 95 0.50 -10.43 -11.45
CA GLY B 95 0.92 -9.03 -11.47
C GLY B 95 1.32 -8.63 -12.87
N VAL B 96 2.54 -8.11 -13.01
CA VAL B 96 3.06 -7.64 -14.32
C VAL B 96 4.48 -8.12 -14.48
N CYS B 97 4.91 -8.23 -15.72
CA CYS B 97 6.33 -8.44 -16.06
C CYS B 97 6.72 -7.71 -17.34
N GLN B 98 8.01 -7.49 -17.48
CA GLN B 98 8.59 -6.80 -18.65
C GLN B 98 8.56 -7.74 -19.86
N GLU B 99 8.41 -7.17 -21.05
CA GLU B 99 8.53 -7.88 -22.34
C GLU B 99 9.83 -8.71 -22.35
N ASN B 100 10.89 -8.21 -21.73
CA ASN B 100 12.28 -8.72 -21.91
C ASN B 100 12.66 -9.75 -20.84
N VAL B 101 11.69 -10.24 -20.05
CA VAL B 101 11.99 -11.29 -19.05
C VAL B 101 12.56 -12.51 -19.76
N GLU B 102 13.39 -13.26 -19.05
CA GLU B 102 13.84 -14.60 -19.48
C GLU B 102 12.63 -15.54 -19.45
N ARG B 103 12.21 -16.09 -20.60
CA ARG B 103 11.01 -16.96 -20.68
C ARG B 103 11.38 -18.43 -20.81
N LYS B 104 12.66 -18.74 -21.09
CA LYS B 104 13.07 -20.10 -21.49
C LYS B 104 13.86 -20.76 -20.37
N CYS B 105 14.78 -20.02 -19.75
CA CYS B 105 15.66 -20.50 -18.65
C CYS B 105 15.03 -20.13 -17.31
N TRP B 106 15.49 -20.83 -16.30
CA TRP B 106 15.14 -20.62 -14.88
C TRP B 106 15.67 -19.26 -14.43
N VAL B 107 14.81 -18.39 -13.94
CA VAL B 107 15.21 -17.15 -13.23
C VAL B 107 14.26 -17.01 -12.05
N LYS B 108 14.71 -16.34 -11.00
CA LYS B 108 13.83 -15.97 -9.88
C LYS B 108 12.90 -14.88 -10.39
N MET B 109 11.58 -15.05 -10.19
CA MET B 109 10.57 -14.01 -10.45
C MET B 109 10.66 -12.95 -9.36
N THR B 110 11.38 -11.88 -9.67
CA THR B 110 11.75 -10.76 -8.78
C THR B 110 11.71 -9.49 -9.61
N PRO B 111 11.50 -8.31 -9.00
CA PRO B 111 11.59 -7.06 -9.76
C PRO B 111 12.93 -6.90 -10.50
N GLU B 112 14.03 -7.34 -9.87
CA GLU B 112 15.35 -7.25 -10.53
C GLU B 112 15.30 -8.02 -11.86
N ASN B 113 14.57 -9.15 -11.92
CA ASN B 113 14.41 -9.97 -13.14
C ASN B 113 13.22 -9.53 -14.01
N GLY B 114 12.55 -8.42 -13.67
CA GLY B 114 11.43 -7.84 -14.44
C GLY B 114 10.06 -8.42 -14.11
N PHE B 115 9.82 -8.93 -12.91
CA PHE B 115 8.49 -9.44 -12.48
C PHE B 115 8.06 -8.72 -11.20
N TRP B 116 6.84 -8.19 -11.22
CA TRP B 116 6.16 -7.63 -10.01
C TRP B 116 4.90 -8.43 -9.75
N THR B 117 4.98 -9.41 -8.85
CA THR B 117 3.89 -10.37 -8.58
C THR B 117 3.74 -10.61 -7.08
N VAL B 118 2.51 -10.93 -6.66
CA VAL B 118 2.17 -11.33 -5.27
C VAL B 118 1.21 -12.51 -5.38
N GLY B 119 1.00 -13.24 -4.31
CA GLY B 119 -0.06 -14.25 -4.32
C GLY B 119 0.09 -15.19 -3.19
N LEU B 120 -0.43 -16.41 -3.36
CA LEU B 120 -0.75 -17.35 -2.26
C LEU B 120 -0.10 -18.70 -2.51
N THR B 121 0.41 -19.30 -1.43
CA THR B 121 0.91 -20.69 -1.43
C THR B 121 0.24 -21.47 -0.29
N ASP B 122 -0.13 -22.72 -0.55
CA ASP B 122 -0.58 -23.68 0.50
C ASP B 122 -1.77 -23.09 1.26
N GLY B 123 -2.66 -22.42 0.55
CA GLY B 123 -3.93 -21.93 1.11
C GLY B 123 -3.77 -20.66 1.93
N SER B 124 -2.65 -20.43 2.63
CA SER B 124 -2.59 -19.46 3.75
C SER B 124 -1.32 -18.61 3.76
N LYS B 125 -0.34 -18.85 2.89
CA LYS B 125 0.92 -18.07 2.84
C LYS B 125 0.87 -17.10 1.66
N TYR B 126 0.46 -15.87 1.95
CA TYR B 126 0.54 -14.70 1.04
C TYR B 126 1.98 -14.21 1.07
N ARG B 127 2.54 -13.94 -0.12
CA ARG B 127 3.89 -13.36 -0.30
C ARG B 127 3.87 -12.34 -1.43
N ALA B 128 4.69 -11.30 -1.32
CA ALA B 128 5.13 -10.53 -2.50
C ALA B 128 6.41 -11.19 -2.98
N LEU B 129 6.52 -11.40 -4.29
CA LEU B 129 7.70 -12.05 -4.91
C LEU B 129 8.76 -10.97 -5.13
N SER B 130 9.08 -10.28 -4.04
CA SER B 130 10.28 -9.42 -3.89
C SER B 130 11.51 -10.32 -3.71
N ASP B 131 12.70 -9.73 -3.72
CA ASP B 131 13.98 -10.43 -3.43
C ASP B 131 14.61 -9.77 -2.20
N PRO B 132 14.62 -10.44 -1.02
CA PRO B 132 13.97 -11.72 -0.80
C PRO B 132 12.44 -11.60 -0.76
N ARG B 133 11.69 -12.71 -0.76
CA ARG B 133 10.20 -12.73 -0.73
C ARG B 133 9.71 -12.05 0.57
N THR B 134 8.65 -11.27 0.48
CA THR B 134 8.01 -10.59 1.63
C THR B 134 6.84 -11.46 2.10
N LYS B 135 6.88 -11.89 3.36
CA LYS B 135 5.74 -12.63 3.97
C LYS B 135 4.68 -11.59 4.24
N LEU B 136 3.51 -11.72 3.62
CA LEU B 136 2.36 -10.82 3.87
C LEU B 136 1.55 -11.35 5.07
N THR B 137 0.94 -10.43 5.79
CA THR B 137 -0.11 -10.72 6.79
C THR B 137 -1.43 -10.18 6.26
N VAL B 138 -2.36 -11.08 5.90
CA VAL B 138 -3.65 -10.73 5.25
C VAL B 138 -4.77 -11.19 6.18
N ALA B 139 -5.43 -10.24 6.85
CA ALA B 139 -6.50 -10.50 7.85
C ALA B 139 -7.70 -11.14 7.15
N ASN B 140 -8.03 -10.68 5.94
CA ASN B 140 -9.19 -11.22 5.16
C ASN B 140 -8.69 -11.74 3.82
N PRO B 141 -8.65 -13.08 3.64
CA PRO B 141 -8.23 -13.68 2.37
C PRO B 141 -9.05 -13.16 1.18
N PRO B 142 -8.42 -12.57 0.15
CA PRO B 142 -9.20 -12.02 -0.95
C PRO B 142 -9.77 -13.12 -1.85
N GLN B 143 -10.95 -12.87 -2.40
CA GLN B 143 -11.64 -13.71 -3.39
C GLN B 143 -11.44 -13.08 -4.77
N ARG B 144 -11.24 -11.78 -4.77
CA ARG B 144 -10.98 -11.03 -6.01
C ARG B 144 -9.89 -10.02 -5.70
N VAL B 145 -8.90 -9.98 -6.57
CA VAL B 145 -7.69 -9.13 -6.42
C VAL B 145 -7.64 -8.13 -7.56
N GLY B 146 -7.53 -6.85 -7.21
CA GLY B 146 -7.28 -5.78 -8.17
C GLY B 146 -5.80 -5.52 -8.30
N VAL B 147 -5.31 -5.52 -9.56
CA VAL B 147 -3.91 -5.22 -9.94
C VAL B 147 -3.88 -3.79 -10.51
N PHE B 148 -3.04 -2.94 -9.93
CA PHE B 148 -2.94 -1.49 -10.21
C PHE B 148 -1.51 -1.16 -10.64
N LEU B 149 -1.40 -0.62 -11.85
CA LEU B 149 -0.13 -0.23 -12.49
C LEU B 149 -0.15 1.28 -12.74
N ASP B 150 0.90 1.96 -12.32
CA ASP B 150 1.22 3.34 -12.76
C ASP B 150 2.60 3.29 -13.42
N TYR B 151 2.62 3.32 -14.74
CA TYR B 151 3.86 3.12 -15.52
C TYR B 151 4.84 4.25 -15.18
N GLU B 152 4.33 5.48 -15.20
CA GLU B 152 5.18 6.69 -15.13
C GLU B 152 5.84 6.77 -13.76
N THR B 153 5.20 6.31 -12.68
CA THR B 153 5.82 6.39 -11.33
C THR B 153 6.39 5.05 -10.89
N GLY B 154 6.37 4.03 -11.76
CA GLY B 154 6.94 2.72 -11.42
C GLY B 154 6.19 2.05 -10.28
N GLU B 155 4.88 2.20 -10.26
CA GLU B 155 4.04 1.72 -9.13
C GLU B 155 3.25 0.48 -9.54
N VAL B 156 3.41 -0.56 -8.73
CA VAL B 156 2.60 -1.80 -8.87
C VAL B 156 1.97 -2.10 -7.52
N SER B 157 0.65 -2.07 -7.44
CA SER B 157 -0.04 -2.30 -6.16
C SER B 157 -1.20 -3.25 -6.33
N PHE B 158 -1.63 -3.84 -5.23
CA PHE B 158 -2.64 -4.92 -5.18
C PHE B 158 -3.59 -4.66 -4.04
N TYR B 159 -4.88 -4.90 -4.29
CA TYR B 159 -6.00 -4.69 -3.36
C TYR B 159 -6.96 -5.88 -3.41
N ASN B 160 -7.65 -6.05 -2.30
CA ASN B 160 -8.87 -6.88 -2.20
C ASN B 160 -9.96 -6.08 -2.90
N ALA B 161 -10.42 -6.56 -4.05
CA ALA B 161 -11.36 -5.86 -4.93
C ALA B 161 -12.80 -5.92 -4.38
N MET B 162 -13.06 -6.71 -3.35
CA MET B 162 -14.44 -6.82 -2.77
C MET B 162 -14.61 -5.81 -1.63
N ASP B 163 -13.62 -5.61 -0.76
CA ASP B 163 -13.75 -4.72 0.42
C ASP B 163 -12.81 -3.51 0.29
N GLY B 164 -11.97 -3.42 -0.76
CA GLY B 164 -11.06 -2.28 -1.01
C GLY B 164 -9.83 -2.26 -0.11
N SER B 165 -9.61 -3.30 0.71
CA SER B 165 -8.42 -3.36 1.59
C SER B 165 -7.15 -3.56 0.74
N HIS B 166 -6.11 -2.82 1.09
CA HIS B 166 -4.79 -2.89 0.44
C HIS B 166 -4.10 -4.22 0.80
N ILE B 167 -3.42 -4.82 -0.18
CA ILE B 167 -2.60 -6.05 0.04
C ILE B 167 -1.11 -5.70 0.00
N TYR B 168 -0.63 -5.09 -1.08
CA TYR B 168 0.81 -4.85 -1.23
C TYR B 168 1.07 -3.78 -2.26
N THR B 169 2.09 -2.97 -1.99
CA THR B 169 2.64 -2.01 -2.97
C THR B 169 4.14 -2.26 -3.06
N PHE B 170 4.65 -2.58 -4.24
CA PHE B 170 6.11 -2.71 -4.44
C PHE B 170 6.75 -1.34 -4.23
N PRO B 171 8.04 -1.31 -3.86
CA PRO B 171 8.77 -0.04 -3.88
C PRO B 171 8.62 0.56 -5.28
N HIS B 172 8.40 1.87 -5.37
CA HIS B 172 8.40 2.61 -6.66
C HIS B 172 9.72 2.27 -7.37
N THR B 173 9.67 2.03 -8.68
CA THR B 173 10.85 1.62 -9.46
C THR B 173 10.87 2.40 -10.79
N PHE B 174 11.73 1.95 -11.70
CA PHE B 174 11.82 2.41 -13.11
C PHE B 174 11.58 1.20 -14.03
N PHE B 175 10.58 1.31 -14.91
CA PHE B 175 10.26 0.22 -15.86
C PHE B 175 11.05 0.42 -17.14
N SER B 176 11.49 -0.69 -17.74
CA SER B 176 12.11 -0.75 -19.08
C SER B 176 11.13 -1.47 -20.02
N GLY B 177 10.62 -0.75 -21.01
CA GLY B 177 9.86 -1.34 -22.12
C GLY B 177 8.47 -1.72 -21.64
N PRO B 178 7.74 -2.49 -22.48
CA PRO B 178 6.38 -2.89 -22.17
C PRO B 178 6.27 -3.77 -20.92
N LEU B 179 5.14 -3.61 -20.24
CA LEU B 179 4.67 -4.43 -19.10
C LEU B 179 3.42 -5.21 -19.51
N TRP B 180 3.44 -6.50 -19.26
CA TRP B 180 2.37 -7.46 -19.55
C TRP B 180 1.72 -7.86 -18.25
N PRO B 181 0.37 -7.96 -18.22
CA PRO B 181 -0.30 -8.74 -17.20
C PRO B 181 0.31 -10.15 -17.26
N VAL B 182 0.69 -10.69 -16.08
CA VAL B 182 1.27 -12.05 -15.94
C VAL B 182 0.50 -12.81 -14.86
N PHE B 183 0.38 -14.11 -15.07
CA PHE B 183 -0.38 -15.08 -14.26
C PHE B 183 0.45 -16.33 -14.14
N ARG B 184 0.56 -16.84 -12.92
CA ARG B 184 1.31 -18.07 -12.62
C ARG B 184 0.48 -18.95 -11.67
N ILE B 185 0.35 -20.23 -11.99
CA ILE B 185 -0.23 -21.24 -11.08
C ILE B 185 0.62 -22.51 -11.12
N LEU B 186 0.91 -23.11 -9.97
CA LEU B 186 1.88 -24.23 -9.87
C LEU B 186 1.15 -25.55 -9.65
N THR B 187 -0.08 -25.50 -9.15
CA THR B 187 -0.79 -26.69 -8.63
C THR B 187 -2.06 -26.96 -9.46
N LEU B 188 -2.54 -28.21 -9.38
CA LEU B 188 -3.92 -28.60 -9.77
C LEU B 188 -4.85 -28.35 -8.59
N GLU B 189 -5.90 -27.58 -8.84
CA GLU B 189 -6.95 -27.19 -7.85
C GLU B 189 -8.27 -27.18 -8.63
N PRO B 190 -9.42 -27.41 -7.97
CA PRO B 190 -10.70 -27.29 -8.67
C PRO B 190 -10.97 -25.87 -9.20
N THR B 191 -10.57 -24.83 -8.47
CA THR B 191 -10.91 -23.41 -8.77
C THR B 191 -9.91 -22.84 -9.78
N ALA B 192 -10.38 -22.42 -10.95
CA ALA B 192 -9.58 -21.72 -11.97
C ALA B 192 -9.37 -20.27 -11.51
N LEU B 193 -8.35 -19.59 -12.04
CA LEU B 193 -8.28 -18.11 -11.98
C LEU B 193 -9.12 -17.56 -13.12
N THR B 194 -9.92 -16.53 -12.87
CA THR B 194 -10.78 -15.91 -13.90
C THR B 194 -10.62 -14.40 -13.87
N ILE B 195 -10.28 -13.82 -15.02
CA ILE B 195 -10.16 -12.35 -15.21
C ILE B 195 -11.57 -11.79 -15.31
N CYS B 196 -11.89 -10.78 -14.48
CA CYS B 196 -13.10 -9.94 -14.64
C CYS B 196 -12.94 -9.02 -15.86
N PRO B 197 -13.92 -9.02 -16.78
CA PRO B 197 -13.96 -8.07 -17.89
C PRO B 197 -14.02 -6.60 -17.44
N ALA B 198 -13.53 -5.67 -18.26
CA ALA B 198 -13.40 -4.23 -17.91
C ALA B 198 -14.74 -3.71 -17.38
S SO4 C . -18.20 12.32 9.86
O1 SO4 C . -16.81 12.07 9.61
O2 SO4 C . -18.43 12.47 11.27
O3 SO4 C . -18.60 13.53 9.17
O4 SO4 C . -18.99 11.22 9.35
P13 H6P D . -5.90 2.74 23.22
O14 H6P D . -5.61 2.10 24.54
O15 H6P D . -7.25 2.65 22.58
O16 H6P D . -4.78 2.13 22.21
P17 H6P D . -4.37 2.32 20.63
O18 H6P D . -4.85 0.99 19.98
O19 H6P D . -2.86 2.48 20.64
O20 H6P D . -5.07 3.54 20.08
C21 H6P D . -3.84 6.50 26.34
C27 H6P D . -3.99 6.10 23.89
C28 H6P D . -4.26 4.62 23.97
O29 H6P D . -5.51 4.28 23.35
C30 H6P D . -3.86 6.94 24.92
C31 H6P D . -3.71 8.44 24.73
O33 H6P D . -3.68 8.86 23.37
S SO4 E . 15.92 -4.05 -17.73
O1 SO4 E . 17.29 -4.14 -17.27
O2 SO4 E . 15.25 -5.30 -17.52
O3 SO4 E . 15.23 -3.02 -16.99
O4 SO4 E . 15.91 -3.71 -19.12
S SO4 F . 13.20 -16.00 -0.33
O1 SO4 F . 14.37 -16.42 0.40
O2 SO4 F . 12.48 -15.01 0.43
O3 SO4 F . 13.62 -15.39 -1.58
O4 SO4 F . 12.34 -17.14 -0.57
P13 H6P G . 10.39 -20.90 -6.94
O14 H6P G . 10.51 -22.30 -6.43
O15 H6P G . 11.58 -20.06 -7.27
O16 H6P G . 9.44 -20.13 -5.92
P17 H6P G . 8.67 -18.75 -5.80
O18 H6P G . 8.93 -18.01 -7.09
O19 H6P G . 9.33 -18.08 -4.63
O20 H6P G . 7.22 -19.18 -5.57
C21 H6P G . 8.40 -24.15 -10.50
C27 H6P G . 7.86 -21.80 -9.81
C28 H6P G . 8.47 -21.88 -8.43
O29 H6P G . 9.55 -20.97 -8.32
C30 H6P G . 7.84 -22.79 -10.72
C31 H6P G . 7.25 -22.61 -12.12
O33 H6P G . 6.79 -21.29 -12.39
#